data_7MJI
#
_entry.id   7MJI
#
_cell.length_a   1.00
_cell.length_b   1.00
_cell.length_c   1.00
_cell.angle_alpha   90.00
_cell.angle_beta   90.00
_cell.angle_gamma   90.00
#
_symmetry.space_group_name_H-M   'P 1'
#
loop_
_entity.id
_entity.type
_entity.pdbx_description
1 polymer 'Spike glycoprotein'
2 polymer 'VH ab8'
3 non-polymer 2-acetamido-2-deoxy-beta-D-glucopyranose
#
loop_
_entity_poly.entity_id
_entity_poly.type
_entity_poly.pdbx_seq_one_letter_code
_entity_poly.pdbx_strand_id
1 'polypeptide(L)'
;MFVFLVLLPLVSSQCVNLTTRTQLPPAYTNSFTRGVYYPDKVFRSSVLHSTQDLFLPFFSNVTWFHAIHVSGTNGTKRFD
NPVLPFNDGVYFASTEKSNIIRGWIFGTTLDSKTQSLLIVNNATNVVIKVCEFQFCNDPFLGVYYHKNNKSWMESEFRVY
SSANNCTFEYVSQPFLMDLEGKQGNFKNLREFVFKNIDGYFKIYSKHTPINLVRDLPQGFSALEPLVDLPIGINITRFQT
LLALHRSYLTPGDSSSGWTAGAAAYYVGYLQPRTFLLKYNENGTITDAVDCALDPLSETKCTLKSFTVEKGIYQTSNFRV
QPTESIVRFPNITNLCPFGEVFNATRFASVYAWNRKRISNCVADYSVLYNSASFSTFKCYGVSPTKLNDLCFTNVYADSF
VIRGDEVRQIAPGQTGKIADYNYKLPDDFTGCVIAWNSNNLDSKVGGNYNYLYRLFRKSNLKPFERDISTEIYQAGSTPC
NGVEGFNCYFPLQSYGFQPTYGVGYQPYRVVVLSFELLHAPATVCGPKKSTNLVKNKCVNFNFNGLTGTGVLTESNKKFL
PFQQFGRDIADTTDAVRDPQTLEILDITPCSFGGVSVITPGTNTSNQVAVLYQDVNCTEVPVAIHADQLTPTWRVYSTGS
NVFQTRAGCLIGAEHVNNSYECDIPIGAGICASYQTQTNSPGSASSVASQSIIAYTMSLGAENSVAYSNNSIAIPTNFTI
SVTTEILPVSMTKTSVDCTMYICGDSTECSNLLLQYGSFCTQLNRALTGIAVEQDKNTQEVFAQVKQIYKTPPIKDFGGF
NFSQILPDPSKPSKRSPIEDLLFNKVTLADAGFIKQYGDCLGDIAARDLICAQKFNGLTVLPPLLTDEMIAQYTSALLAG
TITSGWTFGAGPALQIPFPMQMAYRFNGIGVTQNVLYENQKLIANQFNSAIGKIQDSLSSTPSALGKLQDVVNQNAQALN
TLVKQLSSNFGAISSVLNDILSRLDPPEAEVQIDRLITGRLQSLQTYVTQQLIRAAEIRASANLAATKMSECVLGQSKRV
DFCGKGYHLMSFPQSAPHGVVFLHVTYVPAQEKNFTTAPAICHDGKAHFPREGVFVSNGTHWFVTQRNFYEPQIITTDNT
FVSGNCDVVIGIVNNTVYDPLQPELDSFKEELDKYFKNHTSPDVDLGDISGINASVVNIQKEIDRLNEVAKNLNESLIDL
QELGKYEQGSGYIPEAPRDGQAYVRKDGEWVLLSTFLGRSLEVLFQGPGHHHHHHHHSAWSHPQFEKGGGSGGGGSGGSA
WSHPQFEK
;
B
2 'polypeptide(L)'
;EVQLVESGGGLVQPGGSLRLSCAASGFTFDDYAMSWVRQAPGKGLEWIGRMYNNGRTSYNPSLKSLVTISRDNSKNTLYL
QMNSLRAEDTATYYCARDNLGYRPSENLYGMDVWGQGTTVTVSSSGQAGHHHHHHGDYKDDDDKG
;
E
#
loop_
_chem_comp.id
_chem_comp.type
_chem_comp.name
_chem_comp.formula
NAG D-saccharide, beta linking 2-acetamido-2-deoxy-beta-D-glucopyranose 'C8 H15 N O6'
#
# COMPACT_ATOMS: atom_id res chain seq x y z
N THR A 333 38.54 -0.75 -15.15
CA THR A 333 38.65 0.65 -15.58
C THR A 333 37.29 1.27 -15.83
N ASN A 334 36.30 0.45 -16.19
CA ASN A 334 34.98 0.95 -16.50
C ASN A 334 34.26 1.36 -15.21
N LEU A 335 33.53 2.47 -15.28
CA LEU A 335 32.85 3.01 -14.11
C LEU A 335 31.58 2.22 -13.81
N CYS A 336 31.26 2.13 -12.52
CA CYS A 336 30.06 1.43 -12.11
C CYS A 336 28.81 2.24 -12.47
N PRO A 337 27.73 1.59 -12.91
CA PRO A 337 26.54 2.34 -13.32
C PRO A 337 25.69 2.79 -12.13
N PHE A 338 26.24 3.73 -11.36
CA PHE A 338 25.46 4.32 -10.27
C PHE A 338 24.43 5.30 -10.81
N GLY A 339 24.66 5.87 -11.98
CA GLY A 339 23.68 6.74 -12.60
C GLY A 339 22.46 6.00 -13.10
N GLU A 340 22.59 4.70 -13.39
CA GLU A 340 21.46 3.90 -13.77
C GLU A 340 20.60 3.50 -12.58
N VAL A 341 21.13 3.61 -11.37
CA VAL A 341 20.41 3.25 -10.15
C VAL A 341 19.75 4.46 -9.52
N PHE A 342 20.53 5.50 -9.26
CA PHE A 342 20.01 6.67 -8.54
C PHE A 342 19.16 7.56 -9.44
N ASN A 343 19.52 7.68 -10.71
CA ASN A 343 18.83 8.57 -11.64
C ASN A 343 17.87 7.81 -12.55
N ALA A 344 17.38 6.67 -12.10
CA ALA A 344 16.35 5.94 -12.84
C ALA A 344 15.03 6.68 -12.80
N THR A 345 14.29 6.61 -13.90
CA THR A 345 13.01 7.32 -13.98
C THR A 345 11.94 6.64 -13.15
N ARG A 346 11.95 5.32 -13.09
CA ARG A 346 10.98 4.56 -12.31
C ARG A 346 11.67 3.78 -11.20
N PHE A 347 11.08 3.82 -10.02
CA PHE A 347 11.53 3.02 -8.89
C PHE A 347 10.44 2.04 -8.52
N ALA A 348 10.86 0.94 -7.90
CA ALA A 348 9.94 -0.12 -7.55
C ALA A 348 9.17 0.23 -6.28
N SER A 349 8.12 -0.54 -6.02
CA SER A 349 7.43 -0.47 -4.74
C SER A 349 8.26 -1.19 -3.70
N VAL A 350 7.94 -0.96 -2.42
CA VAL A 350 8.77 -1.54 -1.37
C VAL A 350 8.48 -3.03 -1.20
N TYR A 351 7.26 -3.49 -1.50
CA TYR A 351 6.99 -4.92 -1.40
C TYR A 351 7.66 -5.69 -2.54
N ALA A 352 7.91 -5.02 -3.66
CA ALA A 352 8.52 -5.64 -4.83
C ALA A 352 9.82 -4.90 -5.14
N TRP A 353 10.65 -4.71 -4.12
CA TRP A 353 11.85 -3.87 -4.23
C TRP A 353 12.85 -4.45 -5.22
N ASN A 354 13.37 -3.57 -6.09
CA ASN A 354 14.28 -4.04 -7.12
C ASN A 354 15.69 -4.20 -6.57
N ARG A 355 16.37 -5.27 -7.00
CA ARG A 355 17.75 -5.51 -6.62
C ARG A 355 18.61 -5.59 -7.86
N LYS A 356 19.65 -4.76 -7.93
CA LYS A 356 20.55 -4.72 -9.06
C LYS A 356 21.94 -5.10 -8.61
N ARG A 357 22.58 -5.99 -9.35
CA ARG A 357 23.94 -6.43 -9.04
C ARG A 357 24.93 -5.48 -9.68
N ILE A 358 25.81 -4.90 -8.86
CA ILE A 358 26.92 -4.08 -9.34
C ILE A 358 28.16 -4.95 -9.28
N SER A 359 28.79 -5.19 -10.44
CA SER A 359 29.94 -6.08 -10.46
C SER A 359 30.84 -5.75 -11.63
N ASN A 360 32.14 -5.93 -11.41
CA ASN A 360 33.22 -5.83 -12.39
C ASN A 360 33.20 -4.41 -12.98
N CYS A 361 33.52 -3.46 -12.09
CA CYS A 361 33.62 -2.05 -12.43
C CYS A 361 34.31 -1.32 -11.28
N VAL A 362 34.79 -0.12 -11.59
CA VAL A 362 35.38 0.76 -10.59
C VAL A 362 34.29 1.69 -10.06
N ALA A 363 34.17 1.76 -8.73
CA ALA A 363 33.10 2.51 -8.09
C ALA A 363 33.68 3.72 -7.39
N ASP A 364 33.18 4.90 -7.72
CA ASP A 364 33.58 6.16 -7.09
C ASP A 364 32.45 6.59 -6.16
N TYR A 365 32.59 6.29 -4.87
CA TYR A 365 31.58 6.68 -3.88
C TYR A 365 31.80 8.09 -3.37
N SER A 366 32.85 8.78 -3.80
CA SER A 366 33.06 10.15 -3.39
C SER A 366 32.05 11.11 -4.02
N VAL A 367 31.47 10.75 -5.17
CA VAL A 367 30.46 11.61 -5.77
C VAL A 367 29.07 11.37 -5.18
N LEU A 368 28.91 10.33 -4.37
CA LEU A 368 27.64 10.09 -3.68
C LEU A 368 27.62 10.75 -2.31
N TYR A 369 28.69 10.60 -1.54
CA TYR A 369 28.73 11.18 -0.20
C TYR A 369 28.83 12.70 -0.24
N ASN A 370 29.56 13.24 -1.21
CA ASN A 370 29.69 14.68 -1.30
C ASN A 370 28.53 15.34 -2.03
N SER A 371 27.63 14.55 -2.61
CA SER A 371 26.44 15.11 -3.22
C SER A 371 25.45 15.55 -2.14
N ALA A 372 24.87 16.72 -2.34
CA ALA A 372 23.92 17.29 -1.39
C ALA A 372 22.49 16.86 -1.68
N SER A 373 22.29 15.97 -2.65
CA SER A 373 20.94 15.55 -3.01
C SER A 373 20.34 14.61 -1.97
N PHE A 374 21.19 13.84 -1.29
CA PHE A 374 20.72 12.77 -0.41
C PHE A 374 20.51 13.32 1.00
N SER A 375 19.27 13.24 1.48
CA SER A 375 18.98 13.70 2.83
C SER A 375 19.45 12.70 3.88
N THR A 376 19.34 11.40 3.58
CA THR A 376 19.78 10.37 4.52
C THR A 376 20.89 9.55 3.89
N PHE A 377 22.03 9.46 4.58
CA PHE A 377 23.17 8.68 4.11
C PHE A 377 23.77 8.03 5.35
N LYS A 378 23.29 6.84 5.69
CA LYS A 378 23.73 6.14 6.90
C LYS A 378 24.48 4.89 6.50
N CYS A 379 25.72 4.74 6.93
CA CYS A 379 26.49 3.56 6.60
C CYS A 379 26.73 2.73 7.85
N TYR A 380 26.65 1.41 7.68
CA TYR A 380 26.74 0.46 8.78
C TYR A 380 27.89 -0.49 8.47
N GLY A 381 28.79 -0.65 9.41
CA GLY A 381 29.91 -1.55 9.27
C GLY A 381 31.06 -1.02 8.44
N VAL A 382 30.95 0.20 7.93
CA VAL A 382 32.00 0.82 7.12
C VAL A 382 31.86 2.33 7.23
N SER A 383 32.98 3.02 7.30
CA SER A 383 32.91 4.47 7.28
C SER A 383 32.63 4.94 5.86
N PRO A 384 31.86 6.02 5.70
CA PRO A 384 31.56 6.49 4.34
C PRO A 384 32.75 7.09 3.61
N THR A 385 33.73 7.63 4.34
CA THR A 385 34.93 8.16 3.70
C THR A 385 35.96 7.10 3.39
N LYS A 386 35.78 5.88 3.88
CA LYS A 386 36.71 4.80 3.58
C LYS A 386 36.26 3.94 2.41
N LEU A 387 35.16 4.33 1.75
CA LEU A 387 34.58 3.52 0.68
C LEU A 387 35.47 3.49 -0.54
N ASN A 388 36.21 4.57 -0.80
CA ASN A 388 37.09 4.58 -1.95
C ASN A 388 38.32 3.73 -1.72
N ASP A 389 38.64 3.41 -0.47
CA ASP A 389 39.86 2.67 -0.20
C ASP A 389 39.67 1.17 -0.13
N LEU A 390 38.43 0.67 -0.17
CA LEU A 390 38.19 -0.76 -0.09
C LEU A 390 37.76 -1.32 -1.44
N CYS A 391 37.95 -2.63 -1.58
CA CYS A 391 37.46 -3.40 -2.71
C CYS A 391 36.38 -4.34 -2.19
N PHE A 392 35.25 -4.36 -2.87
CA PHE A 392 34.09 -5.12 -2.40
C PHE A 392 33.77 -6.24 -3.37
N THR A 393 33.17 -7.29 -2.84
CA THR A 393 32.59 -8.34 -3.65
C THR A 393 31.11 -8.47 -3.29
N ASN A 394 30.32 -8.88 -4.29
CA ASN A 394 28.86 -9.04 -4.19
C ASN A 394 28.19 -7.73 -3.76
N VAL A 395 28.32 -6.71 -4.60
CA VAL A 395 27.71 -5.41 -4.34
C VAL A 395 26.31 -5.39 -4.92
N TYR A 396 25.33 -5.05 -4.07
CA TYR A 396 23.94 -5.06 -4.49
C TYR A 396 23.27 -3.75 -4.12
N ALA A 397 22.42 -3.26 -5.02
CA ALA A 397 21.70 -2.01 -4.82
C ALA A 397 20.22 -2.32 -4.85
N ASP A 398 19.53 -2.11 -3.74
CA ASP A 398 18.10 -2.35 -3.61
C ASP A 398 17.39 -1.02 -3.61
N SER A 399 16.47 -0.84 -4.55
CA SER A 399 15.81 0.44 -4.73
C SER A 399 14.31 0.28 -4.61
N PHE A 400 13.70 1.22 -3.88
CA PHE A 400 12.26 1.26 -3.70
C PHE A 400 11.86 2.69 -3.29
N VAL A 401 10.55 2.89 -3.11
CA VAL A 401 9.97 4.16 -2.71
C VAL A 401 9.12 3.92 -1.47
N ILE A 402 9.41 4.64 -0.39
CA ILE A 402 8.60 4.60 0.82
C ILE A 402 8.21 6.02 1.19
N ARG A 403 7.33 6.15 2.18
CA ARG A 403 6.92 7.49 2.58
C ARG A 403 7.95 8.09 3.52
N GLY A 404 7.70 9.33 3.95
CA GLY A 404 8.76 10.16 4.52
C GLY A 404 9.23 9.72 5.89
N ASP A 405 8.30 9.44 6.79
CA ASP A 405 8.69 9.16 8.17
C ASP A 405 9.10 7.70 8.39
N GLU A 406 9.04 6.88 7.35
CA GLU A 406 9.36 5.46 7.45
C GLU A 406 10.76 5.15 6.96
N VAL A 407 11.55 6.19 6.65
CA VAL A 407 12.95 6.01 6.27
C VAL A 407 13.75 5.50 7.46
N ARG A 408 13.32 5.84 8.67
CA ARG A 408 13.94 5.35 9.88
C ARG A 408 13.83 3.83 10.03
N GLN A 409 12.88 3.20 9.34
CA GLN A 409 12.78 1.75 9.42
C GLN A 409 13.76 1.03 8.51
N ILE A 410 14.44 1.72 7.60
CA ILE A 410 15.46 1.08 6.75
C ILE A 410 16.76 1.18 7.53
N ALA A 411 16.92 0.26 8.48
CA ALA A 411 18.06 0.17 9.38
C ALA A 411 18.00 -1.21 10.04
N PRO A 412 19.13 -1.76 10.49
CA PRO A 412 19.07 -3.05 11.21
C PRO A 412 18.35 -2.94 12.54
N GLY A 413 17.51 -3.93 12.81
CA GLY A 413 16.83 -4.02 14.09
C GLY A 413 15.60 -3.15 14.25
N GLN A 414 15.05 -2.63 13.17
CA GLN A 414 13.87 -1.78 13.27
C GLN A 414 12.60 -2.59 13.17
N THR A 415 11.52 -2.02 13.69
CA THR A 415 10.21 -2.66 13.70
C THR A 415 9.18 -1.73 13.05
N GLY A 416 8.15 -2.34 12.48
CA GLY A 416 7.07 -1.63 11.83
C GLY A 416 6.71 -2.33 10.54
N LYS A 417 5.86 -1.67 9.75
CA LYS A 417 5.26 -2.35 8.60
C LYS A 417 6.26 -2.57 7.47
N ILE A 418 7.16 -1.61 7.25
CA ILE A 418 8.16 -1.77 6.19
C ILE A 418 9.22 -2.77 6.60
N ALA A 419 9.66 -2.70 7.85
CA ALA A 419 10.74 -3.58 8.31
C ALA A 419 10.25 -5.01 8.42
N ASP A 420 9.02 -5.21 8.88
CA ASP A 420 8.57 -6.58 9.11
C ASP A 420 7.93 -7.20 7.88
N TYR A 421 7.16 -6.43 7.11
CA TYR A 421 6.37 -7.03 6.03
C TYR A 421 6.91 -6.74 4.64
N ASN A 422 7.77 -5.74 4.47
CA ASN A 422 8.18 -5.31 3.15
C ASN A 422 9.66 -5.48 2.89
N TYR A 423 10.53 -4.95 3.74
CA TYR A 423 11.97 -4.96 3.48
C TYR A 423 12.69 -5.04 4.81
N LYS A 424 13.34 -6.16 5.07
CA LYS A 424 14.02 -6.41 6.34
C LYS A 424 15.52 -6.41 6.12
N LEU A 425 16.24 -5.64 6.92
CA LEU A 425 17.70 -5.69 6.94
C LEU A 425 18.19 -6.59 8.06
N PRO A 426 19.26 -7.35 7.84
CA PRO A 426 19.77 -8.21 8.91
C PRO A 426 20.47 -7.40 10.00
N ASP A 427 20.65 -8.03 11.15
CA ASP A 427 21.33 -7.39 12.26
C ASP A 427 22.82 -7.21 11.98
N ASP A 428 23.42 -8.11 11.18
CA ASP A 428 24.81 -8.01 10.80
C ASP A 428 25.00 -7.32 9.46
N PHE A 429 24.13 -6.38 9.13
CA PHE A 429 24.17 -5.72 7.83
C PHE A 429 25.36 -4.79 7.72
N THR A 430 26.07 -4.88 6.61
CA THR A 430 27.11 -3.93 6.25
C THR A 430 26.75 -3.33 4.89
N GLY A 431 26.91 -2.03 4.77
CA GLY A 431 26.49 -1.34 3.57
C GLY A 431 26.03 0.06 3.92
N CYS A 432 25.38 0.70 2.97
CA CYS A 432 24.97 2.09 3.15
C CYS A 432 23.52 2.26 2.74
N VAL A 433 22.75 3.00 3.54
CA VAL A 433 21.34 3.27 3.26
C VAL A 433 21.24 4.73 2.86
N ILE A 434 20.81 4.97 1.62
CA ILE A 434 20.78 6.28 1.02
C ILE A 434 19.34 6.59 0.67
N ALA A 435 18.84 7.73 1.10
CA ALA A 435 17.46 8.09 0.81
C ALA A 435 17.38 9.57 0.52
N TRP A 436 16.44 9.92 -0.36
CA TRP A 436 16.24 11.33 -0.65
C TRP A 436 14.79 11.57 -1.04
N ASN A 437 14.36 12.81 -0.85
CA ASN A 437 12.99 13.20 -1.14
C ASN A 437 12.76 13.25 -2.64
N SER A 438 11.63 12.71 -3.07
CA SER A 438 11.24 12.70 -4.47
C SER A 438 9.79 13.13 -4.61
N ASN A 439 9.44 14.22 -3.94
CA ASN A 439 8.06 14.71 -4.01
C ASN A 439 7.76 15.32 -5.36
N ASN A 440 8.77 15.89 -6.02
CA ASN A 440 8.56 16.49 -7.32
C ASN A 440 8.45 15.47 -8.44
N LEU A 441 8.87 14.22 -8.20
CA LEU A 441 8.83 13.17 -9.21
C LEU A 441 7.74 12.14 -8.98
N ASP A 442 7.48 11.76 -7.74
CA ASP A 442 6.59 10.64 -7.43
C ASP A 442 5.26 11.08 -6.83
N SER A 443 4.88 12.34 -7.00
CA SER A 443 3.60 12.82 -6.52
C SER A 443 2.83 13.45 -7.66
N LYS A 444 1.56 13.07 -7.77
CA LYS A 444 0.64 13.65 -8.74
C LYS A 444 -0.44 14.37 -7.95
N VAL A 445 -1.01 15.42 -8.57
CA VAL A 445 -1.96 16.30 -7.88
C VAL A 445 -3.24 15.54 -7.51
N GLY A 446 -3.67 14.59 -8.35
CA GLY A 446 -4.79 13.75 -7.97
C GLY A 446 -4.43 12.66 -6.97
N GLY A 447 -3.15 12.32 -6.88
CA GLY A 447 -2.70 11.23 -6.03
C GLY A 447 -2.05 10.13 -6.84
N ASN A 448 -0.80 9.82 -6.55
CA ASN A 448 -0.08 8.78 -7.25
C ASN A 448 -0.25 7.46 -6.51
N TYR A 449 -0.80 6.46 -7.20
CA TYR A 449 -1.13 5.19 -6.58
C TYR A 449 -0.29 4.03 -7.12
N ASN A 450 0.81 4.33 -7.82
CA ASN A 450 1.63 3.27 -8.40
C ASN A 450 2.58 2.64 -7.40
N TYR A 451 2.71 3.20 -6.20
CA TYR A 451 3.60 2.67 -5.18
C TYR A 451 2.78 2.03 -4.08
N LEU A 452 3.05 0.76 -3.80
CA LEU A 452 2.25 -0.02 -2.88
C LEU A 452 3.13 -0.64 -1.82
N TYR A 453 2.57 -0.85 -0.64
CA TYR A 453 3.26 -1.53 0.44
C TYR A 453 2.36 -2.61 1.02
N ARG A 454 2.99 -3.68 1.50
CA ARG A 454 2.29 -4.82 2.08
C ARG A 454 1.85 -4.43 3.49
N LEU A 455 0.57 -4.16 3.67
CA LEU A 455 0.08 -3.77 4.98
C LEU A 455 -0.07 -4.97 5.90
N PHE A 456 -0.47 -6.11 5.35
CA PHE A 456 -0.79 -7.30 6.14
C PHE A 456 0.06 -8.48 5.70
N ARG A 457 0.56 -9.23 6.67
CA ARG A 457 1.24 -10.48 6.39
C ARG A 457 1.11 -11.37 7.61
N LYS A 458 1.13 -12.69 7.40
CA LYS A 458 0.95 -13.63 8.51
C LYS A 458 2.17 -13.66 9.42
N SER A 459 3.36 -13.44 8.88
CA SER A 459 4.57 -13.54 9.68
C SER A 459 5.59 -12.53 9.18
N ASN A 460 6.58 -12.26 10.04
CA ASN A 460 7.65 -11.34 9.71
C ASN A 460 8.54 -11.92 8.63
N LEU A 461 9.07 -11.05 7.78
CA LEU A 461 10.00 -11.48 6.75
C LEU A 461 11.36 -11.82 7.34
N LYS A 462 12.03 -12.77 6.70
CA LYS A 462 13.46 -12.95 6.92
C LYS A 462 14.21 -11.82 6.22
N PRO A 463 15.44 -11.51 6.64
CA PRO A 463 16.21 -10.46 5.98
C PRO A 463 16.48 -10.76 4.50
N PHE A 464 16.37 -9.69 3.70
CA PHE A 464 16.55 -9.72 2.24
C PHE A 464 15.63 -10.73 1.56
N GLU A 465 14.40 -10.84 2.04
CA GLU A 465 13.40 -11.71 1.44
C GLU A 465 12.30 -10.86 0.82
N ARG A 466 11.94 -11.19 -0.41
CA ARG A 466 10.93 -10.46 -1.17
C ARG A 466 9.64 -11.27 -1.20
N ASP A 467 8.53 -10.63 -0.85
CA ASP A 467 7.21 -11.26 -0.89
C ASP A 467 6.34 -10.46 -1.86
N ILE A 468 6.03 -11.06 -3.01
CA ILE A 468 5.19 -10.43 -4.01
C ILE A 468 3.85 -11.13 -4.14
N SER A 469 3.50 -11.99 -3.19
CA SER A 469 2.23 -12.71 -3.24
C SER A 469 1.08 -11.77 -2.91
N THR A 470 -0.01 -11.89 -3.66
CA THR A 470 -1.20 -11.07 -3.46
C THR A 470 -2.36 -11.94 -2.98
N GLU A 471 -2.06 -12.91 -2.12
CA GLU A 471 -3.10 -13.73 -1.53
C GLU A 471 -3.93 -12.91 -0.55
N ILE A 472 -5.24 -13.17 -0.52
CA ILE A 472 -6.17 -12.39 0.29
C ILE A 472 -5.93 -12.70 1.76
N TYR A 473 -5.67 -11.65 2.55
CA TYR A 473 -5.31 -11.79 3.94
C TYR A 473 -6.54 -12.05 4.80
N GLN A 474 -6.36 -12.84 5.85
CA GLN A 474 -7.41 -13.11 6.84
C GLN A 474 -7.09 -12.33 8.10
N ALA A 475 -7.86 -11.29 8.38
CA ALA A 475 -7.69 -10.48 9.57
C ALA A 475 -8.65 -10.85 10.68
N GLY A 476 -9.48 -11.87 10.49
CA GLY A 476 -10.45 -12.23 11.50
C GLY A 476 -10.53 -13.72 11.76
N SER A 477 -11.59 -14.15 12.44
CA SER A 477 -11.75 -15.56 12.75
C SER A 477 -12.24 -16.36 11.55
N THR A 478 -13.08 -15.77 10.72
CA THR A 478 -13.66 -16.47 9.59
C THR A 478 -12.65 -16.59 8.45
N PRO A 479 -12.42 -17.79 7.93
CA PRO A 479 -11.50 -17.93 6.80
C PRO A 479 -12.05 -17.29 5.54
N CYS A 480 -11.14 -16.84 4.68
CA CYS A 480 -11.51 -16.10 3.48
C CYS A 480 -11.72 -17.00 2.27
N ASN A 481 -10.91 -18.06 2.16
CA ASN A 481 -10.83 -18.93 0.98
C ASN A 481 -10.56 -18.13 -0.30
N GLY A 482 -9.63 -17.19 -0.21
CA GLY A 482 -9.21 -16.41 -1.37
C GLY A 482 -10.19 -15.39 -1.86
N VAL A 483 -11.23 -15.09 -1.08
CA VAL A 483 -12.30 -14.17 -1.47
C VAL A 483 -12.42 -13.14 -0.38
N GLU A 484 -12.41 -11.86 -0.74
CA GLU A 484 -12.55 -10.81 0.27
C GLU A 484 -13.97 -10.78 0.82
N GLY A 485 -14.09 -10.19 2.00
CA GLY A 485 -15.35 -10.12 2.71
C GLY A 485 -15.15 -9.38 4.01
N PHE A 486 -15.89 -9.77 5.04
CA PHE A 486 -15.66 -9.22 6.37
C PHE A 486 -14.33 -9.73 6.92
N ASN A 487 -13.47 -8.79 7.31
CA ASN A 487 -12.12 -9.06 7.82
C ASN A 487 -11.28 -9.89 6.84
N CYS A 488 -11.46 -9.63 5.56
CA CYS A 488 -10.68 -10.27 4.50
C CYS A 488 -10.27 -9.20 3.52
N TYR A 489 -8.97 -8.90 3.45
CA TYR A 489 -8.50 -7.74 2.71
C TYR A 489 -7.42 -8.12 1.72
N PHE A 490 -7.30 -7.30 0.69
CA PHE A 490 -6.12 -7.32 -0.16
C PHE A 490 -4.92 -6.85 0.64
N PRO A 491 -3.80 -7.57 0.62
CA PRO A 491 -2.71 -7.25 1.54
C PRO A 491 -1.91 -6.01 1.14
N LEU A 492 -2.02 -5.55 -0.09
CA LEU A 492 -1.23 -4.42 -0.57
C LEU A 492 -2.09 -3.17 -0.57
N GLN A 493 -1.64 -2.14 0.14
CA GLN A 493 -2.28 -0.83 0.11
C GLN A 493 -1.33 0.14 -0.58
N SER A 494 -1.87 0.98 -1.45
CA SER A 494 -1.06 1.96 -2.14
C SER A 494 -0.91 3.21 -1.29
N TYR A 495 0.26 3.83 -1.36
CA TYR A 495 0.43 5.16 -0.80
C TYR A 495 -0.39 6.16 -1.62
N GLY A 496 -1.01 7.10 -0.93
CA GLY A 496 -1.57 8.22 -1.65
C GLY A 496 -0.55 9.33 -1.68
N PHE A 497 0.13 9.52 -2.80
CA PHE A 497 1.20 10.50 -2.90
C PHE A 497 0.67 11.73 -3.60
N GLN A 498 0.49 12.80 -2.84
CA GLN A 498 0.06 14.10 -3.33
C GLN A 498 1.11 15.14 -2.95
N PRO A 499 1.26 16.22 -3.73
CA PRO A 499 2.24 17.25 -3.35
C PRO A 499 1.82 18.07 -2.15
N THR A 500 0.52 18.10 -1.82
CA THR A 500 0.05 18.93 -0.72
C THR A 500 0.36 18.32 0.64
N TYR A 501 0.65 17.02 0.71
CA TYR A 501 0.95 16.39 1.98
C TYR A 501 2.31 16.84 2.51
N GLY A 502 2.40 16.96 3.82
CA GLY A 502 3.60 17.43 4.46
C GLY A 502 4.71 16.39 4.44
N VAL A 503 5.87 16.80 4.93
CA VAL A 503 7.02 15.92 4.99
C VAL A 503 6.77 14.83 6.02
N GLY A 504 6.97 13.58 5.62
CA GLY A 504 6.55 12.45 6.41
C GLY A 504 5.56 11.61 5.64
N TYR A 505 4.72 12.26 4.84
CA TYR A 505 3.85 11.56 3.90
C TYR A 505 4.32 11.74 2.46
N GLN A 506 5.44 12.30 2.27
CA GLN A 506 6.02 12.59 0.96
C GLN A 506 6.88 11.42 0.51
N PRO A 507 6.98 11.17 -0.80
CA PRO A 507 7.74 10.00 -1.26
C PRO A 507 9.24 10.21 -1.11
N TYR A 508 9.91 9.14 -0.70
CA TYR A 508 11.34 9.10 -0.52
C TYR A 508 11.88 7.91 -1.29
N ARG A 509 12.80 8.18 -2.22
CA ARG A 509 13.48 7.12 -2.95
C ARG A 509 14.65 6.60 -2.13
N VAL A 510 14.63 5.31 -1.82
CA VAL A 510 15.60 4.67 -0.96
C VAL A 510 16.40 3.66 -1.77
N VAL A 511 17.72 3.82 -1.75
CA VAL A 511 18.67 2.91 -2.37
C VAL A 511 19.57 2.36 -1.26
N VAL A 512 19.60 1.04 -1.13
CA VAL A 512 20.39 0.37 -0.11
C VAL A 512 21.52 -0.36 -0.80
N LEU A 513 22.75 -0.05 -0.42
CA LEU A 513 23.92 -0.72 -0.97
C LEU A 513 24.38 -1.75 0.04
N SER A 514 24.77 -2.92 -0.46
CA SER A 514 25.21 -4.02 0.37
C SER A 514 26.51 -4.57 -0.20
N PHE A 515 27.48 -4.80 0.69
CA PHE A 515 28.80 -5.26 0.32
C PHE A 515 29.17 -6.51 1.12
N GLU A 516 30.22 -7.18 0.65
CA GLU A 516 30.97 -8.17 1.43
C GLU A 516 32.40 -7.67 1.51
N LEU A 517 32.95 -7.64 2.72
CA LEU A 517 34.20 -6.91 2.99
C LEU A 517 35.38 -7.87 3.02
N LEU A 518 36.08 -7.97 1.88
CA LEU A 518 37.44 -8.50 1.76
C LEU A 518 37.55 -9.97 2.20
N HIS A 519 36.77 -10.82 1.54
CA HIS A 519 36.84 -12.26 1.80
C HIS A 519 36.88 -13.11 0.54
N ALA A 520 36.48 -12.58 -0.61
CA ALA A 520 36.49 -13.29 -1.88
C ALA A 520 37.32 -12.47 -2.86
N PRO A 521 37.68 -12.99 -4.03
CA PRO A 521 38.20 -12.13 -5.09
C PRO A 521 37.19 -11.06 -5.47
N ALA A 522 37.61 -9.80 -5.36
CA ALA A 522 36.70 -8.67 -5.46
C ALA A 522 36.67 -8.13 -6.88
N THR A 523 35.47 -7.79 -7.34
CA THR A 523 35.28 -7.23 -8.67
C THR A 523 34.98 -5.75 -8.67
N VAL A 524 34.57 -5.18 -7.54
CA VAL A 524 34.23 -3.77 -7.42
C VAL A 524 35.27 -3.13 -6.52
N CYS A 525 35.96 -2.12 -7.03
CA CYS A 525 37.02 -1.46 -6.30
C CYS A 525 36.89 0.04 -6.43
N GLY A 526 37.35 0.76 -5.41
CA GLY A 526 37.48 2.19 -5.50
C GLY A 526 38.69 2.56 -6.32
N PRO A 527 38.77 3.83 -6.74
CA PRO A 527 39.92 4.25 -7.55
C PRO A 527 41.18 4.47 -6.71
N GLU B 1 -16.54 15.71 12.75
CA GLU B 1 -17.28 14.50 13.11
C GLU B 1 -17.33 13.54 11.93
N VAL B 2 -16.83 12.32 12.16
CA VAL B 2 -16.85 11.29 11.13
C VAL B 2 -18.26 10.76 10.96
N GLN B 3 -18.83 10.96 9.77
CA GLN B 3 -20.24 10.64 9.59
C GLN B 3 -20.50 10.17 8.17
N LEU B 4 -21.24 9.07 8.03
CA LEU B 4 -21.63 8.53 6.74
C LEU B 4 -23.14 8.63 6.59
N VAL B 5 -23.60 9.15 5.45
CA VAL B 5 -25.02 9.23 5.17
C VAL B 5 -25.26 8.56 3.82
N GLU B 6 -26.33 7.77 3.75
CA GLU B 6 -26.68 7.07 2.52
C GLU B 6 -28.01 7.60 1.99
N SER B 7 -28.14 7.57 0.68
CA SER B 7 -29.37 8.05 0.06
C SER B 7 -29.63 7.31 -1.25
N GLY B 8 -30.89 7.36 -1.68
CA GLY B 8 -31.29 6.82 -2.97
C GLY B 8 -32.23 5.65 -2.89
N GLY B 9 -32.49 5.11 -1.70
CA GLY B 9 -33.37 3.98 -1.58
C GLY B 9 -34.83 4.35 -1.77
N GLY B 10 -35.65 3.32 -1.90
CA GLY B 10 -37.08 3.48 -2.04
C GLY B 10 -37.66 2.33 -2.82
N LEU B 11 -38.89 2.51 -3.27
CA LEU B 11 -39.56 1.49 -4.07
C LEU B 11 -38.89 1.38 -5.44
N VAL B 12 -38.83 0.16 -5.95
CA VAL B 12 -38.25 -0.11 -7.26
C VAL B 12 -38.92 -1.35 -7.81
N GLN B 13 -39.25 -1.31 -9.10
CA GLN B 13 -39.88 -2.46 -9.73
C GLN B 13 -38.84 -3.57 -9.91
N PRO B 14 -39.29 -4.83 -10.02
CA PRO B 14 -38.35 -5.91 -10.33
C PRO B 14 -37.72 -5.76 -11.71
N GLY B 15 -36.44 -6.12 -11.80
CA GLY B 15 -35.71 -6.05 -13.05
C GLY B 15 -35.14 -4.70 -13.40
N GLY B 16 -35.30 -3.69 -12.55
CA GLY B 16 -34.81 -2.36 -12.83
C GLY B 16 -33.40 -2.15 -12.32
N SER B 17 -32.98 -0.88 -12.31
CA SER B 17 -31.67 -0.50 -11.84
C SER B 17 -31.81 0.69 -10.91
N LEU B 18 -30.94 0.76 -9.90
CA LEU B 18 -31.06 1.85 -8.94
C LEU B 18 -29.74 2.17 -8.25
N ARG B 19 -29.46 3.46 -8.08
CA ARG B 19 -28.20 3.96 -7.56
C ARG B 19 -28.33 4.39 -6.11
N LEU B 20 -27.26 4.19 -5.35
CA LEU B 20 -27.17 4.65 -3.97
C LEU B 20 -25.97 5.55 -3.79
N SER B 21 -26.02 6.34 -2.72
CA SER B 21 -24.97 7.27 -2.36
C SER B 21 -24.54 7.05 -0.93
N CYS B 22 -23.28 7.38 -0.66
CA CYS B 22 -22.62 7.25 0.63
C CYS B 22 -21.83 8.52 0.93
N ALA B 23 -22.53 9.67 0.90
CA ALA B 23 -21.91 10.96 1.18
C ALA B 23 -21.25 10.99 2.57
N ALA B 24 -19.96 11.33 2.58
CA ALA B 24 -19.14 11.26 3.76
C ALA B 24 -18.87 12.65 4.31
N SER B 25 -18.70 12.74 5.62
CA SER B 25 -18.38 13.98 6.30
C SER B 25 -17.26 13.72 7.29
N GLY B 26 -16.35 14.70 7.41
CA GLY B 26 -15.25 14.62 8.34
C GLY B 26 -14.00 13.97 7.82
N PHE B 27 -14.05 13.31 6.66
CA PHE B 27 -12.88 12.65 6.08
C PHE B 27 -13.13 12.46 4.59
N THR B 28 -12.09 12.00 3.91
CA THR B 28 -12.13 11.76 2.48
C THR B 28 -11.76 10.31 2.19
N PHE B 29 -11.96 9.91 0.94
CA PHE B 29 -11.75 8.53 0.52
C PHE B 29 -10.35 8.28 -0.01
N ASP B 30 -9.45 9.28 0.05
CA ASP B 30 -8.13 9.14 -0.54
C ASP B 30 -7.22 8.21 0.24
N ASP B 31 -7.54 7.91 1.50
CA ASP B 31 -6.68 7.04 2.29
C ASP B 31 -7.47 6.02 3.12
N TYR B 32 -8.71 5.71 2.73
CA TYR B 32 -9.55 4.81 3.49
C TYR B 32 -10.25 3.84 2.55
N ALA B 33 -10.46 2.62 3.03
CA ALA B 33 -11.20 1.62 2.28
C ALA B 33 -12.65 1.65 2.74
N MET B 34 -13.57 1.73 1.79
CA MET B 34 -14.98 1.93 2.10
C MET B 34 -15.80 0.79 1.51
N SER B 35 -16.75 0.28 2.28
CA SER B 35 -17.44 -0.94 1.90
C SER B 35 -18.95 -0.74 1.94
N TRP B 36 -19.63 -1.58 1.16
CA TRP B 36 -21.08 -1.66 1.12
C TRP B 36 -21.49 -3.00 1.71
N VAL B 37 -22.49 -2.97 2.60
CA VAL B 37 -22.96 -4.11 3.38
C VAL B 37 -24.48 -4.15 3.28
N ARG B 38 -25.05 -5.32 3.05
CA ARG B 38 -26.49 -5.48 2.93
C ARG B 38 -27.06 -6.21 4.15
N GLN B 39 -28.23 -5.77 4.62
CA GLN B 39 -28.90 -6.37 5.77
C GLN B 39 -30.29 -6.79 5.31
N ALA B 40 -30.50 -8.09 5.17
CA ALA B 40 -31.81 -8.62 4.83
C ALA B 40 -32.71 -8.57 6.07
N PRO B 41 -34.04 -8.52 5.87
CA PRO B 41 -34.96 -8.56 7.03
C PRO B 41 -34.88 -9.83 7.86
N GLY B 42 -34.63 -10.98 7.25
CA GLY B 42 -34.55 -12.21 8.00
C GLY B 42 -33.17 -12.81 8.16
N LYS B 43 -32.14 -12.13 7.65
CA LYS B 43 -30.79 -12.65 7.72
C LYS B 43 -29.85 -11.60 8.31
N GLY B 44 -28.58 -11.96 8.41
CA GLY B 44 -27.58 -11.10 8.98
C GLY B 44 -27.02 -10.13 7.96
N LEU B 45 -25.91 -9.51 8.33
CA LEU B 45 -25.23 -8.58 7.44
C LEU B 45 -24.48 -9.32 6.35
N GLU B 46 -24.74 -8.95 5.10
CA GLU B 46 -24.13 -9.55 3.93
C GLU B 46 -23.24 -8.50 3.28
N TRP B 47 -21.97 -8.85 3.11
CA TRP B 47 -21.02 -7.91 2.54
C TRP B 47 -21.18 -7.83 1.04
N ILE B 48 -21.38 -6.62 0.51
CA ILE B 48 -21.58 -6.44 -0.91
C ILE B 48 -20.25 -6.22 -1.61
N GLY B 49 -19.48 -5.25 -1.13
CA GLY B 49 -18.26 -4.94 -1.86
C GLY B 49 -17.40 -3.92 -1.16
N ARG B 50 -16.26 -3.62 -1.78
CA ARG B 50 -15.26 -2.76 -1.17
C ARG B 50 -14.50 -1.97 -2.24
N MET B 51 -14.37 -0.67 -1.99
CA MET B 51 -13.54 0.24 -2.76
C MET B 51 -12.30 0.59 -1.95
N TYR B 52 -11.13 0.42 -2.56
CA TYR B 52 -9.88 0.82 -1.93
C TYR B 52 -9.54 2.26 -2.33
N ASN B 53 -8.43 2.78 -1.80
CA ASN B 53 -8.06 4.16 -2.10
C ASN B 53 -7.53 4.32 -3.51
N ASN B 54 -6.88 3.29 -4.07
CA ASN B 54 -6.36 3.38 -5.43
C ASN B 54 -7.42 3.19 -6.48
N GLY B 55 -8.65 2.85 -6.08
CA GLY B 55 -9.74 2.73 -7.01
C GLY B 55 -10.09 1.33 -7.42
N ARG B 56 -9.43 0.32 -6.88
CA ARG B 56 -9.77 -1.04 -7.23
C ARG B 56 -10.96 -1.52 -6.41
N THR B 57 -11.76 -2.38 -7.02
CA THR B 57 -13.00 -2.86 -6.44
C THR B 57 -12.90 -4.35 -6.16
N SER B 58 -13.49 -4.78 -5.06
CA SER B 58 -13.75 -6.19 -4.85
C SER B 58 -15.22 -6.38 -4.53
N TYR B 59 -15.76 -7.53 -4.93
CA TYR B 59 -17.19 -7.75 -4.88
C TYR B 59 -17.49 -9.08 -4.22
N ASN B 60 -18.73 -9.22 -3.80
CA ASN B 60 -19.23 -10.52 -3.37
C ASN B 60 -19.35 -11.42 -4.60
N PRO B 61 -18.73 -12.60 -4.61
CA PRO B 61 -18.72 -13.42 -5.83
C PRO B 61 -20.07 -14.00 -6.21
N SER B 62 -21.03 -14.04 -5.28
CA SER B 62 -22.41 -14.40 -5.60
C SER B 62 -23.24 -13.18 -5.98
N LEU B 63 -22.60 -12.02 -6.11
CA LEU B 63 -23.30 -10.77 -6.34
C LEU B 63 -22.56 -9.88 -7.33
N LYS B 64 -21.51 -10.40 -7.97
CA LYS B 64 -20.62 -9.57 -8.78
C LYS B 64 -21.30 -9.11 -10.07
N SER B 65 -22.23 -9.89 -10.60
CA SER B 65 -22.79 -9.64 -11.91
C SER B 65 -23.80 -8.49 -11.93
N LEU B 66 -24.22 -7.98 -10.77
CA LEU B 66 -25.30 -7.00 -10.75
C LEU B 66 -25.03 -5.79 -9.87
N VAL B 67 -23.81 -5.61 -9.37
CA VAL B 67 -23.48 -4.44 -8.57
C VAL B 67 -22.30 -3.72 -9.21
N THR B 68 -22.19 -2.44 -8.91
CA THR B 68 -21.06 -1.63 -9.37
C THR B 68 -20.76 -0.57 -8.32
N ILE B 69 -19.51 -0.47 -7.91
CA ILE B 69 -19.08 0.48 -6.90
C ILE B 69 -18.17 1.50 -7.55
N SER B 70 -18.53 2.78 -7.45
CA SER B 70 -17.73 3.83 -8.07
C SER B 70 -17.60 5.00 -7.11
N ARG B 71 -16.53 5.78 -7.26
CA ARG B 71 -16.33 6.92 -6.38
C ARG B 71 -16.59 8.23 -7.12
N ASP B 72 -16.75 9.29 -6.33
CA ASP B 72 -16.67 10.66 -6.81
C ASP B 72 -15.94 11.43 -5.70
N ASN B 73 -14.62 11.51 -5.83
CA ASN B 73 -13.78 12.15 -4.82
C ASN B 73 -13.93 13.66 -4.80
N SER B 74 -14.51 14.24 -5.86
CA SER B 74 -14.78 15.67 -5.87
C SER B 74 -15.82 16.05 -4.83
N LYS B 75 -16.82 15.19 -4.64
CA LYS B 75 -17.88 15.41 -3.68
C LYS B 75 -17.86 14.40 -2.54
N ASN B 76 -16.81 13.58 -2.47
CA ASN B 76 -16.64 12.48 -1.51
C ASN B 76 -17.88 11.61 -1.35
N THR B 77 -18.44 11.17 -2.47
CA THR B 77 -19.54 10.22 -2.42
C THR B 77 -19.11 8.88 -3.00
N LEU B 78 -19.56 7.80 -2.37
CA LEU B 78 -19.39 6.47 -2.93
C LEU B 78 -20.74 6.05 -3.50
N TYR B 79 -20.75 5.57 -4.74
CA TYR B 79 -21.97 5.19 -5.42
C TYR B 79 -22.04 3.67 -5.50
N LEU B 80 -23.28 3.17 -5.47
CA LEU B 80 -23.58 1.76 -5.62
C LEU B 80 -24.70 1.57 -6.63
N GLN B 81 -24.36 1.03 -7.79
CA GLN B 81 -25.27 0.87 -8.91
C GLN B 81 -25.75 -0.57 -8.94
N MET B 82 -27.00 -0.81 -8.57
CA MET B 82 -27.57 -2.13 -8.76
C MET B 82 -28.21 -2.21 -10.14
N ASN B 83 -28.24 -3.43 -10.67
CA ASN B 83 -28.99 -3.78 -11.87
C ASN B 83 -29.76 -5.06 -11.61
N SER B 84 -30.99 -5.13 -12.14
CA SER B 84 -31.88 -6.29 -12.06
C SER B 84 -32.17 -6.68 -10.61
N LEU B 85 -32.82 -5.78 -9.90
CA LEU B 85 -33.23 -6.02 -8.52
C LEU B 85 -34.37 -7.02 -8.47
N ARG B 86 -34.15 -8.12 -7.76
CA ARG B 86 -35.16 -9.15 -7.57
C ARG B 86 -35.65 -9.12 -6.12
N ALA B 87 -36.49 -10.10 -5.77
CA ALA B 87 -37.23 -10.07 -4.52
C ALA B 87 -36.34 -10.20 -3.28
N GLU B 88 -35.20 -10.86 -3.39
CA GLU B 88 -34.30 -11.02 -2.25
C GLU B 88 -33.36 -9.83 -2.08
N ASP B 89 -33.45 -8.82 -2.92
CA ASP B 89 -32.71 -7.58 -2.72
C ASP B 89 -33.49 -6.56 -1.89
N THR B 90 -34.69 -6.90 -1.46
CA THR B 90 -35.46 -6.03 -0.55
C THR B 90 -34.74 -6.05 0.79
N ALA B 91 -33.94 -5.01 1.04
CA ALA B 91 -33.07 -5.02 2.20
C ALA B 91 -32.61 -3.61 2.52
N THR B 92 -31.95 -3.47 3.67
CA THR B 92 -31.44 -2.18 4.13
C THR B 92 -29.93 -2.16 3.88
N TYR B 93 -29.48 -1.16 3.14
CA TYR B 93 -28.12 -1.11 2.63
C TYR B 93 -27.32 -0.12 3.49
N TYR B 94 -26.30 -0.62 4.15
CA TYR B 94 -25.40 0.18 4.96
C TYR B 94 -24.10 0.41 4.21
N CYS B 95 -23.50 1.55 4.46
CA CYS B 95 -22.18 1.90 3.93
C CYS B 95 -21.27 2.16 5.11
N ALA B 96 -20.14 1.45 5.16
CA ALA B 96 -19.31 1.51 6.35
C ALA B 96 -17.85 1.50 5.96
N ARG B 97 -17.01 2.07 6.82
CA ARG B 97 -15.60 2.23 6.50
C ARG B 97 -14.83 1.05 7.10
N ASP B 98 -13.94 0.47 6.31
CA ASP B 98 -13.09 -0.59 6.80
C ASP B 98 -12.04 -0.05 7.75
N ASN B 99 -11.74 -0.82 8.79
CA ASN B 99 -10.71 -0.45 9.75
C ASN B 99 -9.50 -1.32 9.39
N LEU B 100 -8.59 -0.77 8.60
CA LEU B 100 -7.31 -1.42 8.34
C LEU B 100 -6.26 -1.01 9.36
N GLY B 101 -6.61 -0.11 10.28
CA GLY B 101 -5.71 0.38 11.31
C GLY B 101 -5.80 -0.40 12.60
N TYR B 102 -5.86 0.32 13.71
CA TYR B 102 -5.91 -0.30 15.03
C TYR B 102 -7.31 -0.77 15.38
N ARG B 103 -7.41 -2.02 15.81
CA ARG B 103 -8.65 -2.58 16.32
C ARG B 103 -8.54 -2.79 17.82
N PRO B 104 -9.38 -2.14 18.63
CA PRO B 104 -9.25 -2.27 20.10
C PRO B 104 -9.60 -3.65 20.62
N SER B 105 -10.40 -4.42 19.89
CA SER B 105 -10.76 -5.78 20.29
C SER B 105 -11.09 -6.57 19.03
N GLU B 106 -11.62 -7.77 19.23
CA GLU B 106 -12.06 -8.60 18.11
C GLU B 106 -13.38 -8.04 17.58
N ASN B 107 -13.41 -7.68 16.31
CA ASN B 107 -14.62 -7.21 15.66
C ASN B 107 -15.08 -8.22 14.62
N LEU B 108 -16.38 -8.50 14.61
CA LEU B 108 -16.93 -9.46 13.65
C LEU B 108 -16.89 -8.91 12.23
N TYR B 109 -16.97 -7.58 12.09
CA TYR B 109 -17.14 -6.93 10.81
C TYR B 109 -15.97 -6.08 10.37
N GLY B 110 -15.12 -5.65 11.32
CA GLY B 110 -13.98 -4.83 10.98
C GLY B 110 -14.32 -3.45 10.48
N MET B 111 -15.36 -2.83 11.03
CA MET B 111 -15.86 -1.55 10.57
C MET B 111 -15.70 -0.54 11.70
N ASP B 112 -15.01 0.56 11.44
CA ASP B 112 -14.84 1.56 12.49
C ASP B 112 -15.95 2.58 12.53
N VAL B 113 -16.57 2.90 11.39
CA VAL B 113 -17.71 3.79 11.36
C VAL B 113 -18.74 3.23 10.37
N TRP B 114 -20.01 3.34 10.73
CA TRP B 114 -21.12 2.86 9.92
C TRP B 114 -21.96 4.02 9.43
N GLY B 115 -22.76 3.73 8.42
CA GLY B 115 -23.79 4.64 7.98
C GLY B 115 -25.13 4.23 8.56
N GLN B 116 -26.08 5.16 8.52
CA GLN B 116 -27.42 4.86 9.01
C GLN B 116 -28.18 3.93 8.08
N GLY B 117 -27.79 3.85 6.81
CA GLY B 117 -28.34 2.89 5.88
C GLY B 117 -29.66 3.33 5.29
N THR B 118 -29.97 2.86 4.09
CA THR B 118 -31.21 3.22 3.43
C THR B 118 -31.93 1.97 2.97
N THR B 119 -33.25 2.04 2.93
CA THR B 119 -34.08 0.87 2.69
C THR B 119 -34.46 0.81 1.21
N VAL B 120 -34.25 -0.35 0.59
CA VAL B 120 -34.64 -0.59 -0.79
C VAL B 120 -35.63 -1.75 -0.79
N THR B 121 -36.79 -1.54 -1.39
CA THR B 121 -37.84 -2.55 -1.44
C THR B 121 -38.18 -2.86 -2.90
N VAL B 122 -38.24 -4.14 -3.23
CA VAL B 122 -38.58 -4.60 -4.57
C VAL B 122 -39.87 -5.39 -4.46
N SER B 123 -40.95 -4.89 -5.06
CA SER B 123 -42.23 -5.58 -5.06
C SER B 123 -43.05 -5.11 -6.26
N SER B 124 -44.34 -5.46 -6.26
CA SER B 124 -45.20 -5.10 -7.37
C SER B 124 -45.53 -3.62 -7.38
N SER B 125 -45.73 -3.04 -6.21
CA SER B 125 -46.07 -1.61 -6.11
C SER B 125 -45.55 -0.99 -4.83
C1 NAG C . 21.61 12.60 -11.47
C2 NAG C . 23.15 12.38 -11.37
C3 NAG C . 23.84 13.64 -10.83
C4 NAG C . 23.41 14.90 -11.57
C5 NAG C . 21.89 15.00 -11.56
C6 NAG C . 21.37 16.19 -12.33
C7 NAG C . 24.52 10.45 -10.72
C8 NAG C . 24.68 9.31 -9.76
N2 NAG C . 23.46 11.24 -10.53
O3 NAG C . 25.25 13.48 -10.92
O4 NAG C . 23.97 16.04 -10.95
O5 NAG C . 21.34 13.83 -12.18
O6 NAG C . 22.18 17.34 -12.13
O7 NAG C . 25.32 10.66 -11.63
#